data_9D9D
#
_entry.id   9D9D
#
_cell.length_a   74.041
_cell.length_b   74.041
_cell.length_c   108.811
_cell.angle_alpha   90.000
_cell.angle_beta   90.000
_cell.angle_gamma   90.000
#
_symmetry.space_group_name_H-M   'P 43'
#
loop_
_entity.id
_entity.type
_entity.pdbx_description
1 polymer 'Heat shock protein 90 homolog'
2 non-polymer (1P)-3-amino-N-{1-[(2R)-2-(2,4-difluorophenyl)-2-hydroxy-3-(1H-1,2,4-triazol-1-yl)propyl]piperidin-4-yl}-2-oxo-1-(4-phenyl-3,4-dihydro-2H-1,4-benzoxazin-6-yl)-1,2-dihydrothieno[2,3-b]pyrazine-6-carboxamide
3 water water
#
_entity_poly.entity_id   1
_entity_poly.type   'polypeptide(L)'
_entity_poly.pdbx_seq_one_letter_code
;GMADAKVETHEFTAEISQLMSLIINTVYSNKEIFLRELISNASDALDKIRYQALSDPSQLESEPELFIRIIPQKDQKVLE
IRDSGIGMTKADLVNNLGTIAKSGTKSFMEALSAGADVSMIGQFGVGFYSLFLVADHVQVISKHNDDEQYVWESNAGGKF
TVTLDETNERLGRGTMLRLFLKEDQLEYLEEKRIKEVVKKHSEFVAYPIQLVVTKEVEKEV
;
_entity_poly.pdbx_strand_id   A,B
#
# COMPACT_ATOMS: atom_id res chain seq x y z
N ALA A 5 19.41 13.47 -5.40
CA ALA A 5 18.82 12.11 -5.32
C ALA A 5 19.22 11.44 -3.99
N LYS A 6 19.48 12.21 -2.93
CA LYS A 6 19.92 11.65 -1.66
C LYS A 6 19.06 12.15 -0.51
N VAL A 7 19.49 11.89 0.72
CA VAL A 7 18.76 12.30 1.91
C VAL A 7 19.28 13.68 2.33
N GLU A 8 18.45 14.71 2.16
CA GLU A 8 18.79 16.12 2.53
C GLU A 8 18.27 16.44 3.92
N THR A 9 19.15 16.68 4.89
CA THR A 9 18.81 16.92 6.28
C THR A 9 18.74 18.41 6.55
N HIS A 10 17.76 18.82 7.36
CA HIS A 10 17.53 20.23 7.66
C HIS A 10 17.25 20.39 9.14
N GLU A 11 17.24 21.63 9.60
CA GLU A 11 16.88 21.96 10.98
C GLU A 11 15.58 22.76 10.98
N PHE A 12 14.74 22.50 11.99
CA PHE A 12 13.54 23.29 12.16
C PHE A 12 13.90 24.64 12.78
N THR A 13 13.18 25.67 12.35
CA THR A 13 13.19 26.92 13.10
C THR A 13 12.72 26.65 14.53
N ALA A 14 13.29 27.39 15.48
CA ALA A 14 13.01 27.14 16.89
C ALA A 14 11.52 27.11 17.18
N GLU A 15 10.73 27.88 16.40
CA GLU A 15 9.29 27.91 16.64
C GLU A 15 8.63 26.57 16.34
N ILE A 16 8.92 25.98 15.17
CA ILE A 16 8.36 24.68 14.83
C ILE A 16 8.81 23.64 15.84
N SER A 17 10.13 23.59 16.11
CA SER A 17 10.65 22.62 17.08
C SER A 17 10.04 22.83 18.45
N GLN A 18 9.83 24.09 18.86
CA GLN A 18 9.25 24.38 20.17
C GLN A 18 7.88 23.73 20.32
N LEU A 19 7.01 23.90 19.33
CA LEU A 19 5.65 23.35 19.42
C LEU A 19 5.65 21.82 19.44
N MET A 20 6.59 21.18 18.73
N MET A 20 6.60 21.18 18.74
CA MET A 20 6.59 19.73 18.61
CA MET A 20 6.55 19.74 18.62
C MET A 20 6.81 19.06 19.96
C MET A 20 6.82 19.04 19.96
N SER A 21 7.81 19.53 20.72
CA SER A 21 8.10 18.90 22.01
C SER A 21 6.94 19.09 22.99
N LEU A 22 6.31 20.25 22.93
CA LEU A 22 5.13 20.48 23.77
C LEU A 22 4.13 19.37 23.48
N ILE A 23 3.68 19.22 22.23
CA ILE A 23 2.58 18.32 21.87
C ILE A 23 2.95 16.88 22.16
N ILE A 24 4.20 16.49 21.87
CA ILE A 24 4.57 15.08 21.97
C ILE A 24 4.60 14.61 23.41
N ASN A 25 5.00 15.47 24.34
CA ASN A 25 5.05 15.09 25.75
C ASN A 25 3.74 15.37 26.49
N THR A 26 2.92 16.24 25.93
CA THR A 26 1.64 16.59 26.53
C THR A 26 0.98 15.32 27.00
N VAL A 27 0.45 15.27 28.22
CA VAL A 27 -0.33 14.16 28.77
C VAL A 27 -1.83 14.43 28.65
N TYR A 28 -2.22 15.36 27.79
CA TYR A 28 -3.61 15.78 27.63
C TYR A 28 -4.51 14.69 27.06
N SER A 29 -5.64 14.43 27.74
CA SER A 29 -6.69 13.57 27.20
C SER A 29 -7.39 14.31 26.07
N ASN A 30 -8.25 13.61 25.31
CA ASN A 30 -8.82 14.17 24.08
C ASN A 30 -7.80 14.21 22.95
N LYS A 31 -6.84 13.28 22.99
CA LYS A 31 -5.85 13.19 21.93
C LYS A 31 -6.48 13.07 20.55
N GLU A 32 -7.73 12.62 20.48
CA GLU A 32 -8.39 12.25 19.22
C GLU A 32 -8.58 13.40 18.25
N ILE A 33 -8.38 14.64 18.70
CA ILE A 33 -8.57 15.79 17.81
C ILE A 33 -7.52 15.88 16.73
N PHE A 34 -6.41 15.15 16.85
CA PHE A 34 -5.41 15.16 15.80
C PHE A 34 -6.02 14.78 14.46
N LEU A 35 -6.99 13.86 14.46
CA LEU A 35 -7.55 13.36 13.20
C LEU A 35 -8.40 14.42 12.52
N ARG A 36 -9.15 15.19 13.31
CA ARG A 36 -9.89 16.32 12.75
C ARG A 36 -8.95 17.27 12.03
N GLU A 37 -7.81 17.58 12.64
CA GLU A 37 -6.88 18.52 12.03
C GLU A 37 -6.33 17.98 10.71
N LEU A 38 -5.94 16.70 10.69
CA LEU A 38 -5.35 16.13 9.48
C LEU A 38 -6.39 16.00 8.37
N ILE A 39 -7.62 15.61 8.71
CA ILE A 39 -8.66 15.54 7.71
C ILE A 39 -8.96 16.93 7.15
N SER A 40 -8.93 17.95 8.00
N SER A 40 -8.93 17.96 8.00
CA SER A 40 -9.18 19.31 7.52
CA SER A 40 -9.18 19.32 7.53
C SER A 40 -8.10 19.75 6.54
C SER A 40 -8.10 19.74 6.55
N ASN A 41 -6.84 19.42 6.83
CA ASN A 41 -5.76 19.71 5.90
C ASN A 41 -5.93 18.94 4.60
N ALA A 42 -6.32 17.66 4.69
CA ALA A 42 -6.58 16.89 3.48
C ALA A 42 -7.67 17.55 2.64
N SER A 43 -8.75 18.03 3.29
CA SER A 43 -9.85 18.62 2.55
C SER A 43 -9.43 19.94 1.90
N ASP A 44 -8.64 20.75 2.61
CA ASP A 44 -8.12 21.98 2.02
C ASP A 44 -7.30 21.68 0.76
N ALA A 45 -6.44 20.66 0.80
CA ALA A 45 -5.61 20.33 -0.36
C ALA A 45 -6.48 19.85 -1.52
N LEU A 46 -7.57 19.15 -1.23
CA LEU A 46 -8.49 18.73 -2.29
C LEU A 46 -9.26 19.92 -2.86
N ASP A 47 -9.63 20.88 -2.01
CA ASP A 47 -10.27 22.10 -2.49
C ASP A 47 -9.40 22.79 -3.55
N LYS A 48 -8.08 22.75 -3.37
CA LYS A 48 -7.18 23.51 -4.23
C LYS A 48 -7.04 22.86 -5.61
N ILE A 49 -6.94 21.52 -5.65
CA ILE A 49 -6.86 20.85 -6.95
C ILE A 49 -8.20 20.87 -7.66
N ARG A 50 -9.29 20.76 -6.91
CA ARG A 50 -10.62 20.91 -7.50
C ARG A 50 -10.82 22.31 -8.07
N TYR A 51 -10.34 23.33 -7.35
CA TYR A 51 -10.42 24.69 -7.88
C TYR A 51 -9.53 24.86 -9.10
N GLN A 52 -8.25 24.50 -8.97
CA GLN A 52 -7.35 24.57 -10.11
C GLN A 52 -7.92 23.80 -11.30
N ALA A 53 -8.58 22.67 -11.05
CA ALA A 53 -9.11 21.83 -12.12
C ALA A 53 -10.39 22.38 -12.75
N LEU A 54 -11.01 23.37 -12.13
CA LEU A 54 -12.26 23.90 -12.68
C LEU A 54 -12.04 24.57 -14.03
N SER A 55 -10.88 25.21 -14.21
CA SER A 55 -10.50 25.82 -15.48
C SER A 55 -9.82 24.83 -16.41
N ASP A 56 -8.78 24.16 -15.92
CA ASP A 56 -8.04 23.15 -16.67
C ASP A 56 -8.38 21.79 -16.06
N PRO A 57 -9.42 21.09 -16.55
CA PRO A 57 -9.81 19.82 -15.93
C PRO A 57 -8.80 18.70 -16.15
N SER A 58 -7.64 19.01 -16.73
CA SER A 58 -6.61 18.00 -16.97
C SER A 58 -5.56 17.96 -15.87
N GLN A 59 -5.62 18.86 -14.89
CA GLN A 59 -4.79 18.70 -13.70
C GLN A 59 -5.25 17.54 -12.83
N LEU A 60 -6.44 16.99 -13.08
CA LEU A 60 -6.97 15.84 -12.37
C LEU A 60 -6.51 14.51 -12.96
N GLU A 61 -5.84 14.53 -14.12
CA GLU A 61 -5.52 13.28 -14.79
C GLU A 61 -4.52 12.44 -13.99
N SER A 62 -3.68 13.08 -13.17
CA SER A 62 -2.69 12.34 -12.40
C SER A 62 -3.34 11.43 -11.35
N GLU A 63 -4.53 11.80 -10.86
CA GLU A 63 -5.33 10.92 -10.02
C GLU A 63 -6.77 11.42 -10.15
N PRO A 64 -7.58 10.78 -10.99
CA PRO A 64 -8.92 11.35 -11.28
C PRO A 64 -9.85 11.38 -10.08
N GLU A 65 -9.60 10.56 -9.05
CA GLU A 65 -10.51 10.46 -7.93
C GLU A 65 -10.12 11.42 -6.81
N LEU A 66 -11.13 12.02 -6.17
CA LEU A 66 -10.95 12.97 -5.09
C LEU A 66 -11.43 12.34 -3.78
N PHE A 67 -10.49 11.97 -2.91
CA PHE A 67 -10.81 11.15 -1.76
C PHE A 67 -9.89 11.48 -0.59
N ILE A 68 -10.36 11.11 0.61
CA ILE A 68 -9.53 11.02 1.80
C ILE A 68 -9.55 9.57 2.25
N ARG A 69 -8.37 8.99 2.48
CA ARG A 69 -8.25 7.56 2.77
C ARG A 69 -7.43 7.35 4.04
N ILE A 70 -7.99 6.58 4.97
CA ILE A 70 -7.35 6.25 6.23
C ILE A 70 -6.97 4.77 6.22
N ILE A 71 -5.70 4.46 6.43
CA ILE A 71 -5.20 3.10 6.35
C ILE A 71 -4.47 2.72 7.64
N PRO A 72 -5.13 1.99 8.55
CA PRO A 72 -4.40 1.41 9.69
C PRO A 72 -3.46 0.31 9.23
N GLN A 73 -2.24 0.31 9.77
CA GLN A 73 -1.22 -0.71 9.52
C GLN A 73 -0.84 -1.32 10.86
N LYS A 74 -1.64 -2.30 11.29
CA LYS A 74 -1.52 -2.79 12.67
C LYS A 74 -0.16 -3.40 12.94
N ASP A 75 0.37 -4.19 12.01
CA ASP A 75 1.66 -4.81 12.23
C ASP A 75 2.78 -3.79 12.35
N GLN A 76 2.67 -2.67 11.65
CA GLN A 76 3.65 -1.59 11.72
C GLN A 76 3.35 -0.58 12.83
N LYS A 77 2.22 -0.71 13.51
CA LYS A 77 1.76 0.31 14.44
C LYS A 77 1.80 1.68 13.77
N VAL A 78 1.33 1.72 12.53
CA VAL A 78 1.31 2.92 11.71
C VAL A 78 -0.13 3.21 11.31
N LEU A 79 -0.44 4.51 11.19
CA LEU A 79 -1.72 4.98 10.66
C LEU A 79 -1.41 5.97 9.56
N GLU A 80 -1.93 5.70 8.36
CA GLU A 80 -1.68 6.53 7.19
C GLU A 80 -2.93 7.33 6.85
N ILE A 81 -2.74 8.62 6.55
CA ILE A 81 -3.81 9.52 6.13
C ILE A 81 -3.44 10.02 4.74
N ARG A 82 -4.19 9.58 3.73
CA ARG A 82 -3.89 9.88 2.35
C ARG A 82 -4.99 10.75 1.76
N ASP A 83 -4.59 11.65 0.86
CA ASP A 83 -5.52 12.45 0.08
C ASP A 83 -4.99 12.57 -1.33
N SER A 84 -5.91 12.78 -2.26
CA SER A 84 -5.57 13.08 -3.64
C SER A 84 -5.71 14.57 -3.94
N GLY A 85 -5.27 15.40 -3.02
CA GLY A 85 -5.32 16.84 -3.19
C GLY A 85 -4.23 17.33 -4.13
N ILE A 86 -3.90 18.62 -3.99
CA ILE A 86 -2.96 19.23 -4.92
C ILE A 86 -1.53 18.78 -4.63
N GLY A 87 -1.21 18.43 -3.38
CA GLY A 87 0.11 17.96 -3.04
C GLY A 87 1.11 19.07 -2.73
N MET A 88 2.30 18.66 -2.28
CA MET A 88 3.38 19.62 -1.91
C MET A 88 4.63 19.28 -2.70
N THR A 89 5.40 20.27 -3.10
CA THR A 89 6.66 20.08 -3.87
C THR A 89 7.81 19.91 -2.88
N LYS A 90 8.99 19.53 -3.34
CA LYS A 90 10.18 19.42 -2.46
C LYS A 90 10.37 20.81 -1.85
N ALA A 91 10.16 21.85 -2.64
CA ALA A 91 10.26 23.23 -2.16
C ALA A 91 9.39 23.32 -0.93
N ASP A 92 8.13 22.87 -0.99
CA ASP A 92 7.15 22.91 0.12
C ASP A 92 7.54 21.96 1.26
N LEU A 93 8.23 20.85 1.00
CA LEU A 93 8.54 19.93 2.11
C LEU A 93 9.47 20.69 3.06
N VAL A 94 10.17 21.70 2.55
CA VAL A 94 11.05 22.56 3.40
C VAL A 94 10.55 24.01 3.35
N ASN A 95 9.57 24.37 2.50
CA ASN A 95 9.05 25.74 2.46
C ASN A 95 7.52 25.78 2.54
N ASN A 96 6.90 24.82 3.22
CA ASN A 96 5.44 24.87 3.53
C ASN A 96 5.30 24.79 5.04
N LEU A 97 6.42 24.69 5.76
CA LEU A 97 6.44 24.69 7.24
C LEU A 97 6.89 26.10 7.67
N GLY A 98 7.08 27.02 6.71
CA GLY A 98 7.46 28.42 7.00
C GLY A 98 6.43 29.39 6.47
N THR A 99 6.66 30.69 6.62
CA THR A 99 5.73 31.77 6.14
C THR A 99 4.46 31.71 6.98
N ILE A 100 3.39 31.11 6.46
CA ILE A 100 2.08 31.01 7.17
C ILE A 100 2.29 30.14 8.41
N ALA A 101 3.21 29.18 8.34
CA ALA A 101 3.48 28.24 9.44
C ALA A 101 4.40 28.89 10.47
N LYS A 102 5.29 29.78 10.05
CA LYS A 102 6.18 30.51 10.99
C LYS A 102 5.32 31.38 11.91
N SER A 103 4.39 32.15 11.34
CA SER A 103 3.51 33.01 12.13
C SER A 103 2.60 32.18 13.01
N GLY A 104 1.85 31.25 12.39
CA GLY A 104 0.91 30.44 13.14
C GLY A 104 1.52 29.67 14.28
N THR A 105 2.78 29.24 14.15
CA THR A 105 3.41 28.49 15.24
C THR A 105 3.77 29.41 16.40
N LYS A 106 4.38 30.57 16.10
CA LYS A 106 4.84 31.45 17.18
C LYS A 106 3.67 32.05 17.94
N SER A 107 2.63 32.49 17.24
CA SER A 107 1.48 33.06 17.93
C SER A 107 0.67 32.00 18.67
N PHE A 108 0.64 30.76 18.17
CA PHE A 108 -0.02 29.69 18.90
C PHE A 108 0.72 29.38 20.20
N MET A 109 2.05 29.39 20.16
N MET A 109 2.05 29.39 20.16
CA MET A 109 2.81 29.16 21.38
CA MET A 109 2.82 29.16 21.38
C MET A 109 2.49 30.21 22.44
C MET A 109 2.50 30.21 22.43
N GLU A 110 2.31 31.47 22.02
CA GLU A 110 1.98 32.52 22.97
C GLU A 110 0.57 32.37 23.52
N ALA A 111 -0.37 31.91 22.67
CA ALA A 111 -1.72 31.63 23.15
C ALA A 111 -1.74 30.47 24.13
N LEU A 112 -0.95 29.42 23.86
CA LEU A 112 -0.84 28.31 24.79
C LEU A 112 -0.32 28.78 26.14
N SER A 113 0.69 29.65 26.14
CA SER A 113 1.20 30.20 27.39
C SER A 113 0.12 30.99 28.13
N ALA A 114 -0.78 31.64 27.40
CA ALA A 114 -1.85 32.42 28.02
C ALA A 114 -2.98 31.54 28.55
N GLY A 115 -3.08 30.30 28.10
CA GLY A 115 -4.11 29.41 28.59
C GLY A 115 -4.86 28.66 27.51
N ALA A 116 -4.55 28.88 26.24
CA ALA A 116 -5.23 28.19 25.10
C ALA A 116 -5.00 26.67 25.17
N ASP A 117 -5.95 25.85 24.73
CA ASP A 117 -5.82 24.37 24.65
C ASP A 117 -5.25 24.01 23.28
N VAL A 118 -4.72 22.78 23.12
CA VAL A 118 -4.19 22.27 21.81
C VAL A 118 -5.36 22.07 20.83
N SER A 119 -6.61 22.02 21.30
CA SER A 119 -7.83 21.94 20.46
C SER A 119 -7.96 23.20 19.60
N MET A 120 -7.25 24.27 19.91
CA MET A 120 -7.32 25.58 19.20
C MET A 120 -6.21 25.70 18.15
N ILE A 121 -5.31 24.72 18.05
CA ILE A 121 -4.14 24.76 17.10
C ILE A 121 -4.62 25.06 15.69
N GLY A 122 -5.76 24.50 15.28
CA GLY A 122 -6.27 24.63 13.92
C GLY A 122 -6.61 26.06 13.51
N GLN A 123 -7.12 26.86 14.44
CA GLN A 123 -7.42 28.25 14.11
C GLN A 123 -6.18 29.12 14.02
N PHE A 124 -4.99 28.56 14.24
CA PHE A 124 -3.74 29.25 13.96
C PHE A 124 -3.04 28.70 12.73
N GLY A 125 -3.66 27.75 12.02
CA GLY A 125 -3.13 27.28 10.75
C GLY A 125 -2.07 26.21 10.84
N VAL A 126 -1.81 25.65 12.03
CA VAL A 126 -0.71 24.71 12.23
C VAL A 126 -1.24 23.42 12.84
N GLY A 127 -2.47 23.05 12.50
CA GLY A 127 -3.06 21.84 13.04
C GLY A 127 -2.30 20.58 12.69
N PHE A 128 -1.41 20.65 11.69
CA PHE A 128 -0.64 19.46 11.30
C PHE A 128 0.08 18.86 12.50
N TYR A 129 0.71 19.71 13.33
CA TYR A 129 1.57 19.22 14.41
C TYR A 129 0.79 18.60 15.56
N SER A 130 -0.54 18.64 15.52
CA SER A 130 -1.32 17.91 16.51
C SER A 130 -1.19 16.40 16.35
N LEU A 131 -0.58 15.92 15.26
CA LEU A 131 -0.38 14.49 15.11
C LEU A 131 0.51 13.92 16.21
N PHE A 132 1.43 14.74 16.74
CA PHE A 132 2.36 14.27 17.76
C PHE A 132 1.67 13.97 19.08
N LEU A 133 0.40 14.30 19.23
CA LEU A 133 -0.35 13.84 20.40
C LEU A 133 -0.34 12.32 20.46
N VAL A 134 -0.43 11.67 19.30
CA VAL A 134 -0.51 10.21 19.24
C VAL A 134 0.69 9.56 18.58
N ALA A 135 1.56 10.31 17.92
CA ALA A 135 2.67 9.76 17.16
C ALA A 135 4.00 10.34 17.61
N ASP A 136 4.99 9.47 17.84
CA ASP A 136 6.33 9.91 18.21
C ASP A 136 7.24 10.05 17.00
N HIS A 137 6.68 9.99 15.80
CA HIS A 137 7.47 9.98 14.56
C HIS A 137 6.49 10.01 13.39
N VAL A 138 6.87 10.65 12.28
CA VAL A 138 5.99 10.79 11.14
C VAL A 138 6.80 10.93 9.86
N GLN A 139 6.31 10.29 8.80
CA GLN A 139 6.76 10.55 7.43
C GLN A 139 5.60 11.16 6.64
N VAL A 140 5.92 12.13 5.80
CA VAL A 140 4.94 12.80 4.96
C VAL A 140 5.35 12.58 3.51
N ILE A 141 4.52 11.85 2.78
CA ILE A 141 4.76 11.55 1.37
C ILE A 141 3.84 12.44 0.55
N SER A 142 4.39 13.08 -0.47
CA SER A 142 3.64 14.07 -1.24
C SER A 142 4.05 14.02 -2.69
N LYS A 143 3.11 14.37 -3.56
CA LYS A 143 3.33 14.35 -5.01
C LYS A 143 2.51 15.48 -5.62
N HIS A 144 3.19 16.54 -6.06
CA HIS A 144 2.56 17.65 -6.78
C HIS A 144 2.69 17.42 -8.29
N ASN A 145 1.65 17.82 -9.02
CA ASN A 145 1.60 17.56 -10.46
C ASN A 145 2.87 18.00 -11.19
N ASP A 146 3.57 18.99 -10.65
CA ASP A 146 4.71 19.60 -11.33
C ASP A 146 6.03 19.24 -10.66
N ASP A 147 6.07 18.11 -9.95
CA ASP A 147 7.28 17.68 -9.27
C ASP A 147 7.19 16.18 -9.02
N GLU A 148 8.30 15.59 -8.61
CA GLU A 148 8.35 14.18 -8.30
C GLU A 148 7.90 13.92 -6.86
N GLN A 149 7.77 12.65 -6.52
CA GLN A 149 7.31 12.25 -5.20
C GLN A 149 8.47 12.31 -4.21
N TYR A 150 8.21 12.86 -3.03
CA TYR A 150 9.23 13.04 -2.00
C TYR A 150 8.70 12.55 -0.67
N VAL A 151 9.62 12.37 0.28
CA VAL A 151 9.30 11.91 1.62
C VAL A 151 9.93 12.85 2.64
N TRP A 152 9.11 13.33 3.58
CA TRP A 152 9.49 14.19 4.68
C TRP A 152 9.38 13.39 5.97
N GLU A 153 10.35 13.52 6.86
CA GLU A 153 10.42 12.68 8.04
C GLU A 153 10.91 13.47 9.23
N SER A 154 10.27 13.27 10.38
CA SER A 154 10.63 13.98 11.60
C SER A 154 10.18 13.13 12.79
N ASN A 155 10.94 13.22 13.88
CA ASN A 155 10.62 12.50 15.10
C ASN A 155 10.42 13.45 16.28
N ALA A 156 9.99 14.68 16.00
CA ALA A 156 9.70 15.76 16.95
C ALA A 156 10.97 16.50 17.39
N GLY A 157 12.14 16.11 16.89
CA GLY A 157 13.36 16.82 17.21
C GLY A 157 13.59 17.99 16.28
N GLY A 158 14.66 18.73 16.54
CA GLY A 158 15.00 19.88 15.75
C GLY A 158 15.47 19.59 14.34
N LYS A 159 15.55 18.31 13.96
CA LYS A 159 16.08 17.91 12.67
C LYS A 159 15.05 17.07 11.93
N PHE A 160 14.83 17.41 10.66
CA PHE A 160 14.02 16.61 9.75
C PHE A 160 14.77 16.38 8.45
N THR A 161 14.37 15.33 7.73
CA THR A 161 14.99 14.96 6.48
C THR A 161 13.98 15.09 5.34
N VAL A 162 14.51 15.20 4.12
CA VAL A 162 13.70 15.18 2.90
C VAL A 162 14.42 14.29 1.90
N THR A 163 13.71 13.33 1.32
CA THR A 163 14.33 12.34 0.45
C THR A 163 13.44 12.03 -0.75
N LEU A 164 14.03 12.02 -1.94
CA LEU A 164 13.32 11.56 -3.13
C LEU A 164 12.75 10.17 -2.89
N ASP A 165 11.47 9.99 -3.23
CA ASP A 165 10.75 8.77 -2.89
C ASP A 165 11.02 7.72 -3.95
N GLU A 166 11.79 6.68 -3.59
CA GLU A 166 12.00 5.52 -4.45
C GLU A 166 11.58 4.23 -3.76
N THR A 167 10.74 4.31 -2.73
CA THR A 167 10.40 3.14 -1.94
C THR A 167 8.92 3.01 -1.60
N ASN A 168 8.10 4.03 -1.79
CA ASN A 168 6.70 3.99 -1.40
C ASN A 168 5.80 3.87 -2.61
N GLU A 169 4.56 3.43 -2.35
N GLU A 169 4.56 3.44 -2.34
CA GLU A 169 3.56 3.39 -3.41
CA GLU A 169 3.55 3.40 -3.38
C GLU A 169 3.45 4.74 -4.08
C GLU A 169 3.46 4.75 -4.08
N ARG A 170 3.17 4.72 -5.38
CA ARG A 170 2.98 5.95 -6.14
C ARG A 170 1.62 6.55 -5.81
N LEU A 171 1.62 7.81 -5.38
CA LEU A 171 0.39 8.47 -4.99
C LEU A 171 -0.43 8.94 -6.17
N GLY A 172 0.19 9.12 -7.34
CA GLY A 172 -0.46 9.73 -8.47
C GLY A 172 -0.48 11.24 -8.32
N ARG A 173 -1.15 11.71 -7.27
CA ARG A 173 -1.13 13.10 -6.84
C ARG A 173 -1.69 13.16 -5.44
N GLY A 174 -1.11 14.04 -4.61
CA GLY A 174 -1.63 14.25 -3.28
C GLY A 174 -0.60 13.98 -2.20
N THR A 175 -1.09 13.65 -1.02
CA THR A 175 -0.26 13.58 0.18
C THR A 175 -0.71 12.39 1.01
N MET A 176 0.25 11.73 1.67
CA MET A 176 -0.05 10.68 2.63
C MET A 176 0.80 10.92 3.86
N LEU A 177 0.15 11.07 5.01
CA LEU A 177 0.83 11.19 6.28
C LEU A 177 0.94 9.81 6.90
N ARG A 178 2.16 9.41 7.23
N ARG A 178 2.17 9.41 7.23
CA ARG A 178 2.42 8.10 7.85
CA ARG A 178 2.44 8.11 7.85
C ARG A 178 2.78 8.35 9.32
C ARG A 178 2.78 8.37 9.32
N LEU A 179 1.85 8.05 10.21
CA LEU A 179 2.02 8.29 11.64
C LEU A 179 2.50 7.01 12.31
N PHE A 180 3.62 7.12 13.03
CA PHE A 180 4.15 6.01 13.85
C PHE A 180 3.65 6.20 15.27
N LEU A 181 2.54 5.53 15.60
CA LEU A 181 1.84 5.80 16.84
C LEU A 181 2.67 5.40 18.06
N LYS A 182 2.30 6.00 19.19
CA LYS A 182 2.84 5.62 20.49
C LYS A 182 2.13 4.35 20.99
N GLU A 183 2.80 3.65 21.92
N GLU A 183 2.79 3.64 21.90
CA GLU A 183 2.27 2.37 22.38
CA GLU A 183 2.27 2.37 22.38
C GLU A 183 0.98 2.54 23.18
C GLU A 183 0.97 2.55 23.16
N ASP A 184 0.78 3.69 23.81
CA ASP A 184 -0.44 3.97 24.54
C ASP A 184 -1.54 4.56 23.65
N GLN A 185 -1.23 4.81 22.37
CA GLN A 185 -2.16 5.46 21.45
C GLN A 185 -2.57 4.54 20.31
N LEU A 186 -2.45 3.22 20.50
CA LEU A 186 -2.73 2.27 19.43
C LEU A 186 -4.22 2.10 19.18
N GLU A 187 -5.08 2.67 20.04
CA GLU A 187 -6.52 2.57 19.81
C GLU A 187 -6.91 3.10 18.43
N TYR A 188 -6.12 4.01 17.87
CA TYR A 188 -6.43 4.64 16.60
C TYR A 188 -6.04 3.78 15.40
N LEU A 189 -5.74 2.49 15.61
CA LEU A 189 -5.61 1.52 14.53
C LEU A 189 -6.89 0.71 14.34
N GLU A 190 -7.89 0.90 15.20
CA GLU A 190 -9.09 0.08 15.22
C GLU A 190 -10.19 0.74 14.40
N GLU A 191 -10.94 -0.08 13.67
CA GLU A 191 -11.98 0.46 12.78
C GLU A 191 -13.07 1.17 13.56
N LYS A 192 -13.60 0.54 14.60
CA LYS A 192 -14.64 1.18 15.40
C LYS A 192 -14.16 2.51 15.97
N ARG A 193 -12.91 2.54 16.45
CA ARG A 193 -12.38 3.77 17.06
C ARG A 193 -12.28 4.90 16.04
N ILE A 194 -11.76 4.60 14.85
CA ILE A 194 -11.62 5.64 13.82
C ILE A 194 -12.99 6.14 13.39
N LYS A 195 -13.95 5.24 13.19
CA LYS A 195 -15.31 5.64 12.85
C LYS A 195 -15.87 6.65 13.84
N GLU A 196 -15.76 6.35 15.14
CA GLU A 196 -16.27 7.25 16.18
C GLU A 196 -15.65 8.64 16.04
N VAL A 197 -14.32 8.71 15.92
CA VAL A 197 -13.62 9.98 15.86
C VAL A 197 -14.05 10.76 14.61
N VAL A 198 -14.00 10.11 13.45
CA VAL A 198 -14.36 10.77 12.20
C VAL A 198 -15.80 11.29 12.26
N LYS A 199 -16.72 10.48 12.80
CA LYS A 199 -18.12 10.88 12.83
C LYS A 199 -18.38 11.99 13.84
N LYS A 200 -17.55 12.08 14.88
CA LYS A 200 -17.73 13.10 15.91
C LYS A 200 -17.19 14.45 15.46
N HIS A 201 -16.03 14.47 14.82
CA HIS A 201 -15.33 15.72 14.54
C HIS A 201 -15.29 16.11 13.06
N SER A 202 -15.60 15.18 12.15
CA SER A 202 -15.46 15.43 10.70
C SER A 202 -16.78 15.11 10.00
N GLU A 203 -17.87 15.69 10.49
CA GLU A 203 -19.17 15.43 9.88
C GLU A 203 -19.33 16.20 8.58
N PHE A 204 -18.74 17.40 8.48
CA PHE A 204 -18.96 18.29 7.34
C PHE A 204 -17.70 18.28 6.50
N VAL A 205 -17.56 17.24 5.68
CA VAL A 205 -16.44 17.09 4.76
C VAL A 205 -17.03 16.79 3.39
N ALA A 206 -16.58 17.54 2.38
CA ALA A 206 -17.17 17.44 1.05
C ALA A 206 -16.70 16.22 0.27
N TYR A 207 -15.71 15.48 0.77
CA TYR A 207 -15.11 14.37 0.05
C TYR A 207 -15.30 13.06 0.80
N PRO A 208 -15.38 11.93 0.09
CA PRO A 208 -15.54 10.64 0.78
C PRO A 208 -14.33 10.34 1.66
N ILE A 209 -14.61 9.98 2.90
CA ILE A 209 -13.59 9.52 3.83
C ILE A 209 -13.64 7.99 3.80
N GLN A 210 -12.63 7.40 3.18
CA GLN A 210 -12.55 5.96 3.01
C GLN A 210 -11.68 5.36 4.10
N LEU A 211 -12.14 4.25 4.66
CA LEU A 211 -11.42 3.53 5.71
C LEU A 211 -11.04 2.15 5.19
N VAL A 212 -9.74 1.89 5.11
CA VAL A 212 -9.22 0.63 4.61
C VAL A 212 -8.95 -0.29 5.80
N VAL A 213 -9.73 -1.36 5.92
CA VAL A 213 -9.64 -2.27 7.06
C VAL A 213 -9.18 -3.63 6.57
N THR A 214 -8.24 -4.24 7.30
CA THR A 214 -7.70 -5.59 6.99
C THR A 214 -8.34 -6.58 7.97
N LYS A 215 -8.96 -7.64 7.47
CA LYS A 215 -9.72 -8.60 8.26
C LYS A 215 -9.40 -10.02 7.80
N GLU A 216 -9.10 -10.90 8.75
N GLU A 216 -9.11 -10.89 8.76
CA GLU A 216 -8.86 -12.29 8.41
CA GLU A 216 -8.90 -12.30 8.45
C GLU A 216 -10.17 -12.93 7.94
C GLU A 216 -10.19 -12.92 7.94
N VAL A 217 -10.08 -13.73 6.89
CA VAL A 217 -11.23 -14.44 6.34
C VAL A 217 -11.47 -15.68 7.21
N GLU A 218 -12.62 -15.70 7.89
CA GLU A 218 -12.87 -16.64 8.97
C GLU A 218 -13.42 -17.98 8.46
N LYS A 219 -13.42 -18.96 9.36
CA LYS A 219 -13.97 -20.28 9.05
C LYS A 219 -15.50 -20.24 8.99
N ALA B 5 18.33 1.63 -12.70
CA ALA B 5 17.23 0.68 -12.81
C ALA B 5 16.78 0.52 -14.25
N LYS B 6 17.56 -0.23 -15.04
CA LYS B 6 17.20 -0.47 -16.44
C LYS B 6 16.14 -1.56 -16.54
N VAL B 7 15.48 -1.60 -17.69
CA VAL B 7 14.43 -2.56 -17.96
C VAL B 7 15.05 -3.69 -18.79
N GLU B 8 15.24 -4.85 -18.16
CA GLU B 8 15.73 -6.03 -18.86
C GLU B 8 14.56 -6.75 -19.51
N THR B 9 14.70 -7.06 -20.79
CA THR B 9 13.72 -7.86 -21.53
C THR B 9 14.26 -9.26 -21.73
N HIS B 10 13.48 -10.26 -21.31
CA HIS B 10 13.78 -11.66 -21.55
C HIS B 10 12.61 -12.29 -22.28
N GLU B 11 12.86 -13.46 -22.86
CA GLU B 11 11.86 -14.18 -23.62
C GLU B 11 11.43 -15.43 -22.89
N PHE B 12 10.11 -15.67 -22.86
CA PHE B 12 9.59 -16.94 -22.36
C PHE B 12 10.11 -18.09 -23.21
N THR B 13 10.38 -19.22 -22.58
CA THR B 13 10.62 -20.44 -23.33
C THR B 13 9.35 -20.84 -24.05
N ALA B 14 9.51 -21.56 -25.17
CA ALA B 14 8.39 -21.80 -26.05
C ALA B 14 7.26 -22.56 -25.36
N GLU B 15 7.58 -23.45 -24.42
CA GLU B 15 6.53 -24.25 -23.79
C GLU B 15 5.70 -23.43 -22.83
N ILE B 16 6.35 -22.66 -21.95
CA ILE B 16 5.63 -21.75 -21.05
C ILE B 16 4.78 -20.77 -21.87
N SER B 17 5.35 -20.23 -22.95
CA SER B 17 4.59 -19.33 -23.82
C SER B 17 3.36 -20.04 -24.40
N GLN B 18 3.51 -21.31 -24.78
N GLN B 18 3.52 -21.31 -24.81
CA GLN B 18 2.36 -22.05 -25.31
CA GLN B 18 2.38 -22.07 -25.31
C GLN B 18 1.34 -22.32 -24.22
C GLN B 18 1.35 -22.28 -24.20
N LEU B 19 1.81 -22.67 -23.01
CA LEU B 19 0.89 -22.90 -21.90
C LEU B 19 0.14 -21.62 -21.55
N MET B 20 0.83 -20.49 -21.49
N MET B 20 0.84 -20.50 -21.45
CA MET B 20 0.18 -19.24 -21.13
CA MET B 20 0.19 -19.22 -21.14
C MET B 20 -0.87 -18.84 -22.14
C MET B 20 -0.91 -18.90 -22.13
N SER B 21 -0.63 -19.08 -23.43
CA SER B 21 -1.62 -18.71 -24.44
C SER B 21 -2.86 -19.60 -24.35
N LEU B 22 -2.70 -20.87 -23.99
CA LEU B 22 -3.85 -21.73 -23.74
C LEU B 22 -4.72 -21.16 -22.61
N ILE B 23 -4.10 -20.88 -21.47
CA ILE B 23 -4.86 -20.44 -20.29
C ILE B 23 -5.60 -19.14 -20.59
N ILE B 24 -4.91 -18.16 -21.19
CA ILE B 24 -5.52 -16.84 -21.30
C ILE B 24 -6.66 -16.84 -22.32
N ASN B 25 -6.75 -17.89 -23.14
CA ASN B 25 -7.79 -17.97 -24.19
C ASN B 25 -8.96 -18.85 -23.72
N THR B 26 -8.72 -19.87 -22.90
CA THR B 26 -9.75 -20.86 -22.48
C THR B 26 -11.03 -20.21 -21.99
N VAL B 27 -12.17 -20.90 -22.18
CA VAL B 27 -13.51 -20.41 -21.74
C VAL B 27 -13.89 -21.18 -20.48
N TYR B 28 -12.97 -21.92 -19.88
CA TYR B 28 -13.19 -22.65 -18.61
C TYR B 28 -14.19 -21.87 -17.76
N SER B 29 -15.10 -22.57 -17.07
CA SER B 29 -16.19 -21.92 -16.30
C SER B 29 -15.96 -21.98 -14.78
N ASN B 30 -14.83 -22.52 -14.31
CA ASN B 30 -14.50 -22.55 -12.85
C ASN B 30 -13.18 -21.78 -12.69
N LYS B 31 -13.10 -20.56 -13.22
CA LYS B 31 -11.85 -19.76 -13.23
C LYS B 31 -11.47 -19.31 -11.82
N GLU B 32 -12.39 -19.40 -10.84
CA GLU B 32 -12.08 -19.02 -9.48
C GLU B 32 -10.94 -19.83 -8.88
N ILE B 33 -10.58 -20.96 -9.50
CA ILE B 33 -9.49 -21.78 -9.01
C ILE B 33 -8.14 -21.05 -9.04
N PHE B 34 -8.04 -19.96 -9.80
CA PHE B 34 -6.79 -19.20 -9.80
C PHE B 34 -6.41 -18.78 -8.39
N LEU B 35 -7.39 -18.40 -7.58
CA LEU B 35 -7.11 -17.91 -6.24
C LEU B 35 -6.61 -19.03 -5.34
N ARG B 36 -7.24 -20.21 -5.41
CA ARG B 36 -6.72 -21.36 -4.69
C ARG B 36 -5.26 -21.63 -5.05
N GLU B 37 -4.94 -21.61 -6.35
CA GLU B 37 -3.58 -21.84 -6.80
C GLU B 37 -2.63 -20.78 -6.28
N LEU B 38 -3.01 -19.51 -6.38
CA LEU B 38 -2.13 -18.45 -5.91
C LEU B 38 -2.00 -18.49 -4.39
N ILE B 39 -3.10 -18.76 -3.68
CA ILE B 39 -3.01 -18.90 -2.22
C ILE B 39 -2.12 -20.09 -1.86
N SER B 40 -2.20 -21.18 -2.63
CA SER B 40 -1.33 -22.32 -2.39
C SER B 40 0.13 -21.97 -2.61
N ASN B 41 0.43 -21.27 -3.71
CA ASN B 41 1.80 -20.83 -3.97
C ASN B 41 2.31 -19.93 -2.85
N ALA B 42 1.44 -19.05 -2.33
CA ALA B 42 1.83 -18.17 -1.23
C ALA B 42 2.17 -18.98 0.02
N SER B 43 1.32 -19.96 0.36
CA SER B 43 1.59 -20.80 1.53
C SER B 43 2.92 -21.52 1.39
N ASP B 44 3.24 -22.02 0.19
CA ASP B 44 4.52 -22.69 0.00
C ASP B 44 5.69 -21.75 0.26
N ALA B 45 5.61 -20.52 -0.24
CA ALA B 45 6.68 -19.53 0.00
C ALA B 45 6.81 -19.20 1.48
N LEU B 46 5.71 -19.20 2.23
CA LEU B 46 5.76 -18.98 3.67
C LEU B 46 6.36 -20.19 4.40
N ASP B 47 5.99 -21.41 3.99
CA ASP B 47 6.63 -22.61 4.54
C ASP B 47 8.14 -22.52 4.41
N LYS B 48 8.63 -21.95 3.31
CA LYS B 48 10.07 -22.00 3.02
C LYS B 48 10.84 -21.03 3.91
N ILE B 49 10.35 -19.81 4.11
CA ILE B 49 11.03 -18.89 5.02
C ILE B 49 10.89 -19.37 6.47
N ARG B 50 9.76 -19.97 6.81
CA ARG B 50 9.62 -20.55 8.14
C ARG B 50 10.60 -21.68 8.35
N TYR B 51 10.87 -22.46 7.30
CA TYR B 51 11.87 -23.51 7.40
C TYR B 51 13.26 -22.92 7.59
N GLN B 52 13.60 -21.89 6.81
CA GLN B 52 14.90 -21.24 6.97
C GLN B 52 15.00 -20.55 8.32
N ALA B 53 13.91 -19.94 8.79
CA ALA B 53 13.92 -19.25 10.08
C ALA B 53 14.07 -20.22 11.25
N LEU B 54 13.81 -21.51 11.02
CA LEU B 54 13.99 -22.50 12.08
C LEU B 54 15.45 -22.58 12.48
N SER B 55 16.35 -22.58 11.49
CA SER B 55 17.78 -22.52 11.77
C SER B 55 18.20 -21.10 12.16
N ASP B 56 17.93 -20.14 11.28
CA ASP B 56 18.39 -18.76 11.43
C ASP B 56 17.20 -17.84 11.71
N PRO B 57 16.80 -17.65 12.96
CA PRO B 57 15.63 -16.80 13.24
C PRO B 57 15.74 -15.39 12.68
N SER B 58 16.95 -14.89 12.43
CA SER B 58 17.10 -13.53 11.92
C SER B 58 16.55 -13.38 10.51
N GLN B 59 16.25 -14.47 9.81
CA GLN B 59 15.69 -14.38 8.47
C GLN B 59 14.31 -13.72 8.47
N LEU B 60 13.61 -13.72 9.61
CA LEU B 60 12.26 -13.15 9.72
C LEU B 60 12.26 -11.67 10.06
N GLU B 61 13.39 -11.09 10.48
CA GLU B 61 13.39 -9.71 10.92
C GLU B 61 12.95 -8.76 9.81
N SER B 62 13.15 -9.13 8.53
CA SER B 62 12.74 -8.30 7.41
C SER B 62 11.22 -8.16 7.33
N GLU B 63 10.47 -9.00 8.00
CA GLU B 63 9.02 -8.92 8.06
C GLU B 63 8.54 -9.97 9.06
N PRO B 64 8.45 -9.63 10.35
CA PRO B 64 8.15 -10.67 11.35
C PRO B 64 6.85 -11.42 11.08
N GLU B 65 5.84 -10.75 10.54
CA GLU B 65 4.53 -11.38 10.40
C GLU B 65 4.49 -12.29 9.17
N LEU B 66 3.81 -13.41 9.31
CA LEU B 66 3.66 -14.41 8.26
C LEU B 66 2.18 -14.43 7.86
N PHE B 67 1.87 -13.92 6.66
CA PHE B 67 0.48 -13.66 6.29
C PHE B 67 0.31 -13.80 4.79
N ILE B 68 -0.94 -14.04 4.39
CA ILE B 68 -1.39 -13.95 3.00
C ILE B 68 -2.45 -12.86 2.97
N ARG B 69 -2.23 -11.85 2.13
CA ARG B 69 -3.09 -10.68 2.08
C ARG B 69 -3.63 -10.50 0.68
N ILE B 70 -4.93 -10.25 0.57
CA ILE B 70 -5.60 -10.02 -0.71
C ILE B 70 -6.12 -8.58 -0.72
N ILE B 71 -5.65 -7.78 -1.67
CA ILE B 71 -5.95 -6.35 -1.73
C ILE B 71 -6.63 -6.06 -3.06
N PRO B 72 -7.93 -5.94 -3.12
CA PRO B 72 -8.56 -5.43 -4.33
C PRO B 72 -8.29 -3.94 -4.50
N GLN B 73 -8.08 -3.52 -5.74
CA GLN B 73 -7.91 -2.12 -6.12
C GLN B 73 -8.96 -1.84 -7.20
N LYS B 74 -10.20 -1.59 -6.79
CA LYS B 74 -11.29 -1.44 -7.74
C LYS B 74 -11.00 -0.33 -8.75
N ASP B 75 -10.54 0.83 -8.26
CA ASP B 75 -10.27 1.96 -9.16
C ASP B 75 -9.32 1.59 -10.28
N GLN B 76 -8.42 0.63 -10.03
CA GLN B 76 -7.45 0.20 -11.03
C GLN B 76 -7.86 -1.07 -11.78
N LYS B 77 -8.95 -1.71 -11.35
CA LYS B 77 -9.39 -3.03 -11.91
C LYS B 77 -8.22 -4.00 -11.69
N VAL B 78 -7.61 -3.97 -10.51
CA VAL B 78 -6.48 -4.81 -10.16
C VAL B 78 -6.79 -5.55 -8.87
N LEU B 79 -6.30 -6.79 -8.80
CA LEU B 79 -6.41 -7.61 -7.61
C LEU B 79 -5.00 -8.03 -7.23
N GLU B 80 -4.57 -7.65 -6.03
CA GLU B 80 -3.24 -7.96 -5.53
C GLU B 80 -3.33 -9.12 -4.55
N ILE B 81 -2.33 -10.00 -4.63
CA ILE B 81 -2.18 -11.14 -3.74
C ILE B 81 -0.76 -11.08 -3.18
N ARG B 82 -0.62 -10.70 -1.92
CA ARG B 82 0.67 -10.52 -1.27
C ARG B 82 0.90 -11.62 -0.25
N ASP B 83 2.17 -12.00 -0.09
CA ASP B 83 2.58 -12.91 0.97
C ASP B 83 3.93 -12.45 1.48
N SER B 84 4.17 -12.68 2.78
CA SER B 84 5.47 -12.42 3.40
C SER B 84 6.33 -13.67 3.43
N GLY B 85 6.26 -14.48 2.36
CA GLY B 85 7.07 -15.67 2.25
C GLY B 85 8.52 -15.39 1.93
N ILE B 86 9.20 -16.38 1.35
CA ILE B 86 10.63 -16.25 1.18
C ILE B 86 10.97 -15.17 0.16
N GLY B 87 10.11 -14.91 -0.80
CA GLY B 87 10.41 -13.98 -1.86
C GLY B 87 11.27 -14.57 -2.95
N MET B 88 11.65 -13.72 -3.89
CA MET B 88 12.41 -14.15 -5.05
C MET B 88 13.46 -13.09 -5.39
N THR B 89 14.72 -13.52 -5.49
CA THR B 89 15.75 -12.66 -6.04
C THR B 89 15.44 -12.34 -7.50
N LYS B 90 16.20 -11.40 -8.06
CA LYS B 90 16.09 -11.11 -9.48
C LYS B 90 16.33 -12.38 -10.30
N ALA B 91 17.42 -13.08 -10.00
CA ALA B 91 17.70 -14.35 -10.68
C ALA B 91 16.54 -15.33 -10.52
N ASP B 92 15.96 -15.40 -9.32
CA ASP B 92 14.79 -16.25 -9.12
C ASP B 92 13.66 -15.89 -10.09
N LEU B 93 13.41 -14.59 -10.27
CA LEU B 93 12.29 -14.15 -11.09
C LEU B 93 12.47 -14.54 -12.56
N VAL B 94 13.69 -14.39 -13.08
CA VAL B 94 13.95 -14.67 -14.49
C VAL B 94 13.85 -16.16 -14.78
N ASN B 95 14.38 -17.00 -13.90
CA ASN B 95 14.46 -18.47 -14.15
C ASN B 95 13.14 -19.16 -13.78
N ASN B 96 12.53 -18.81 -12.66
CA ASN B 96 11.29 -19.47 -12.16
C ASN B 96 10.04 -19.03 -12.91
N LEU B 97 9.99 -17.81 -13.47
CA LEU B 97 8.74 -17.28 -14.09
C LEU B 97 8.83 -17.14 -15.60
N GLY B 98 9.65 -17.90 -16.32
CA GLY B 98 9.63 -17.81 -17.80
C GLY B 98 10.81 -18.42 -18.52
N THR B 99 12.02 -18.38 -17.98
CA THR B 99 13.25 -18.84 -18.69
C THR B 99 13.43 -20.36 -18.59
N ILE B 100 12.80 -21.01 -17.62
CA ILE B 100 12.95 -22.49 -17.42
C ILE B 100 11.57 -23.13 -17.20
N ALA B 101 11.20 -24.08 -18.04
CA ALA B 101 9.89 -24.78 -17.94
C ALA B 101 9.92 -25.78 -16.79
N LYS B 102 8.85 -25.82 -16.00
CA LYS B 102 8.72 -26.76 -14.90
C LYS B 102 8.60 -28.19 -15.43
N SER B 103 8.46 -29.13 -14.51
CA SER B 103 8.38 -30.53 -14.90
C SER B 103 7.12 -30.81 -15.71
N GLY B 104 5.99 -30.26 -15.28
CA GLY B 104 4.70 -30.65 -15.83
C GLY B 104 4.10 -29.69 -16.82
N THR B 105 4.91 -28.80 -17.40
CA THR B 105 4.41 -27.91 -18.44
C THR B 105 3.90 -28.72 -19.63
N LYS B 106 4.76 -29.58 -20.18
CA LYS B 106 4.33 -30.43 -21.29
C LYS B 106 3.28 -31.44 -20.84
N SER B 107 3.48 -32.05 -19.66
CA SER B 107 2.53 -33.04 -19.17
C SER B 107 1.15 -32.43 -18.96
N PHE B 108 1.09 -31.19 -18.46
CA PHE B 108 -0.22 -30.56 -18.23
C PHE B 108 -0.92 -30.25 -19.55
N MET B 109 -0.18 -29.74 -20.53
CA MET B 109 -0.75 -29.53 -21.85
C MET B 109 -1.18 -30.86 -22.47
N GLU B 110 -0.40 -31.92 -22.24
CA GLU B 110 -0.83 -33.26 -22.62
C GLU B 110 -2.15 -33.63 -21.94
N ALA B 111 -2.21 -33.47 -20.61
CA ALA B 111 -3.42 -33.78 -19.87
C ALA B 111 -4.61 -32.98 -20.39
N LEU B 112 -4.42 -31.69 -20.67
CA LEU B 112 -5.53 -30.85 -21.12
C LEU B 112 -6.15 -31.40 -22.39
N SER B 113 -5.32 -31.70 -23.39
CA SER B 113 -5.86 -32.18 -24.67
C SER B 113 -6.55 -33.54 -24.54
N ALA B 114 -6.24 -34.30 -23.49
CA ALA B 114 -6.90 -35.58 -23.23
C ALA B 114 -8.22 -35.42 -22.47
N GLY B 115 -8.59 -34.19 -22.09
CA GLY B 115 -9.81 -33.92 -21.38
C GLY B 115 -9.64 -33.43 -19.95
N ALA B 116 -8.40 -33.24 -19.49
CA ALA B 116 -8.17 -32.90 -18.10
C ALA B 116 -8.91 -31.61 -17.73
N ASP B 117 -9.39 -31.56 -16.49
CA ASP B 117 -9.95 -30.34 -15.94
C ASP B 117 -8.82 -29.37 -15.59
N VAL B 118 -9.05 -28.08 -15.86
CA VAL B 118 -8.02 -27.06 -15.60
C VAL B 118 -7.64 -27.03 -14.14
N SER B 119 -8.53 -27.47 -13.25
CA SER B 119 -8.23 -27.48 -11.82
C SER B 119 -7.10 -28.43 -11.45
N MET B 120 -6.70 -29.33 -12.35
CA MET B 120 -5.53 -30.17 -12.09
C MET B 120 -4.22 -29.43 -12.29
N ILE B 121 -4.25 -28.16 -12.70
CA ILE B 121 -3.02 -27.42 -12.99
C ILE B 121 -2.07 -27.45 -11.80
N GLY B 122 -2.61 -27.45 -10.58
CA GLY B 122 -1.75 -27.43 -9.41
C GLY B 122 -0.98 -28.72 -9.22
N GLN B 123 -1.60 -29.85 -9.60
CA GLN B 123 -0.94 -31.15 -9.45
C GLN B 123 0.16 -31.35 -10.48
N PHE B 124 0.33 -30.42 -11.41
CA PHE B 124 1.48 -30.41 -12.31
C PHE B 124 2.49 -29.32 -11.95
N GLY B 125 2.26 -28.57 -10.88
CA GLY B 125 3.22 -27.60 -10.40
C GLY B 125 3.34 -26.33 -11.22
N VAL B 126 2.32 -25.99 -12.02
CA VAL B 126 2.36 -24.76 -12.81
C VAL B 126 1.13 -23.92 -12.50
N GLY B 127 0.61 -24.04 -11.28
CA GLY B 127 -0.60 -23.34 -10.88
C GLY B 127 -0.49 -21.83 -10.96
N PHE B 128 0.73 -21.29 -10.94
CA PHE B 128 0.92 -19.85 -11.08
C PHE B 128 0.21 -19.33 -12.32
N TYR B 129 0.29 -20.06 -13.41
CA TYR B 129 -0.23 -19.58 -14.69
C TYR B 129 -1.74 -19.63 -14.78
N SER B 130 -2.41 -20.23 -13.79
CA SER B 130 -3.87 -20.14 -13.74
C SER B 130 -4.34 -18.70 -13.59
N LEU B 131 -3.47 -17.77 -13.19
CA LEU B 131 -3.87 -16.38 -13.06
C LEU B 131 -4.33 -15.81 -14.38
N PHE B 132 -3.84 -16.33 -15.50
CA PHE B 132 -4.25 -15.84 -16.80
C PHE B 132 -5.65 -16.27 -17.18
N LEU B 133 -6.33 -17.06 -16.34
CA LEU B 133 -7.75 -17.28 -16.53
C LEU B 133 -8.54 -15.99 -16.32
N VAL B 134 -8.03 -15.09 -15.48
CA VAL B 134 -8.79 -13.92 -15.05
C VAL B 134 -8.08 -12.59 -15.34
N ALA B 135 -6.80 -12.60 -15.70
CA ALA B 135 -6.05 -11.37 -15.89
C ALA B 135 -5.37 -11.39 -17.25
N ASP B 136 -5.43 -10.25 -17.94
CA ASP B 136 -4.75 -10.11 -19.22
C ASP B 136 -3.28 -9.75 -19.05
N HIS B 137 -2.90 -9.32 -17.85
N HIS B 137 -2.89 -9.29 -17.87
CA HIS B 137 -1.51 -8.86 -17.61
CA HIS B 137 -1.49 -8.86 -17.62
C HIS B 137 -1.22 -8.94 -16.11
C HIS B 137 -1.21 -8.91 -16.12
N VAL B 138 0.06 -9.25 -15.79
CA VAL B 138 0.39 -9.40 -14.33
C VAL B 138 1.73 -8.74 -14.03
N GLN B 139 1.89 -8.28 -12.78
CA GLN B 139 3.18 -7.77 -12.30
C GLN B 139 3.49 -8.57 -11.03
N VAL B 140 4.66 -9.20 -10.96
CA VAL B 140 5.08 -9.97 -9.76
C VAL B 140 6.17 -9.15 -9.05
N ILE B 141 5.84 -8.52 -7.93
CA ILE B 141 6.79 -7.78 -7.11
C ILE B 141 7.31 -8.71 -6.03
N SER B 142 8.63 -8.77 -5.87
CA SER B 142 9.24 -9.74 -4.96
C SER B 142 10.45 -9.14 -4.27
N LYS B 143 10.62 -9.53 -3.01
CA LYS B 143 11.76 -9.08 -2.20
C LYS B 143 12.30 -10.27 -1.42
N HIS B 144 13.51 -10.68 -1.74
CA HIS B 144 14.23 -11.73 -1.04
C HIS B 144 15.28 -11.11 -0.13
N ASN B 145 15.53 -11.75 1.02
CA ASN B 145 16.50 -11.24 1.97
C ASN B 145 17.89 -11.08 1.37
N ASP B 146 18.19 -11.67 0.21
CA ASP B 146 19.56 -11.67 -0.38
C ASP B 146 19.62 -10.74 -1.58
N ASP B 147 18.63 -9.90 -1.78
CA ASP B 147 18.59 -9.05 -2.98
C ASP B 147 17.67 -7.86 -2.77
N GLU B 148 17.61 -6.98 -3.75
CA GLU B 148 16.73 -5.83 -3.72
C GLU B 148 15.34 -6.23 -4.21
N GLN B 149 14.41 -5.26 -4.18
CA GLN B 149 13.06 -5.48 -4.66
C GLN B 149 12.99 -5.30 -6.17
N TYR B 150 12.28 -6.20 -6.84
CA TYR B 150 12.23 -6.24 -8.29
C TYR B 150 10.79 -6.47 -8.76
N VAL B 151 10.49 -6.02 -9.98
CA VAL B 151 9.14 -6.15 -10.56
C VAL B 151 9.23 -6.95 -11.87
N TRP B 152 8.76 -8.18 -11.85
CA TRP B 152 8.68 -9.04 -13.06
C TRP B 152 7.35 -8.70 -13.74
N GLU B 153 7.32 -8.47 -15.04
CA GLU B 153 6.08 -8.03 -15.74
C GLU B 153 5.88 -8.83 -17.03
N SER B 154 4.65 -9.27 -17.27
CA SER B 154 4.31 -10.10 -18.45
C SER B 154 2.88 -9.83 -18.91
N ASN B 155 2.60 -10.05 -20.19
CA ASN B 155 1.27 -9.92 -20.75
C ASN B 155 0.91 -11.12 -21.61
N ALA B 156 1.29 -12.31 -21.15
CA ALA B 156 1.05 -13.56 -21.88
C ALA B 156 1.53 -13.48 -23.32
N GLY B 157 2.44 -12.57 -23.61
CA GLY B 157 3.11 -12.54 -24.91
C GLY B 157 4.27 -13.51 -24.93
N GLY B 158 5.27 -13.20 -25.74
CA GLY B 158 6.49 -13.96 -25.77
C GLY B 158 7.60 -13.39 -24.94
N LYS B 159 7.38 -12.23 -24.30
CA LYS B 159 8.43 -11.50 -23.61
C LYS B 159 7.97 -11.11 -22.21
N PHE B 160 8.93 -10.92 -21.30
CA PHE B 160 8.64 -10.44 -19.94
C PHE B 160 9.76 -9.43 -19.61
N THR B 161 9.65 -8.70 -18.51
CA THR B 161 10.68 -7.73 -18.11
C THR B 161 10.96 -7.82 -16.62
N VAL B 162 12.19 -7.59 -16.20
CA VAL B 162 12.56 -7.51 -14.76
C VAL B 162 13.17 -6.13 -14.56
N THR B 163 12.59 -5.31 -13.69
CA THR B 163 13.06 -3.96 -13.39
C THR B 163 13.24 -3.80 -11.89
N LEU B 164 14.29 -3.10 -11.49
CA LEU B 164 14.47 -2.75 -10.08
C LEU B 164 13.28 -1.93 -9.61
N ASP B 165 12.73 -2.32 -8.45
CA ASP B 165 11.50 -1.70 -7.96
C ASP B 165 11.82 -0.40 -7.24
N GLU B 166 11.42 0.72 -7.85
CA GLU B 166 11.61 2.03 -7.23
C GLU B 166 10.31 2.83 -7.22
N THR B 167 9.15 2.16 -7.29
CA THR B 167 7.88 2.86 -7.37
C THR B 167 6.74 2.19 -6.59
N ASN B 168 6.93 1.01 -6.02
CA ASN B 168 5.88 0.33 -5.26
C ASN B 168 6.21 0.37 -3.77
N GLU B 169 5.20 0.08 -2.95
N GLU B 169 5.18 0.08 -2.96
CA GLU B 169 5.41 -0.02 -1.51
CA GLU B 169 5.37 -0.09 -1.53
C GLU B 169 6.43 -1.12 -1.23
C GLU B 169 6.47 -1.12 -1.25
N ARG B 170 7.23 -0.91 -0.18
CA ARG B 170 8.22 -1.90 0.22
C ARG B 170 7.51 -3.10 0.83
N LEU B 171 7.81 -4.29 0.30
CA LEU B 171 7.24 -5.52 0.84
C LEU B 171 7.88 -5.92 2.16
N GLY B 172 9.12 -5.48 2.40
CA GLY B 172 9.90 -5.96 3.53
C GLY B 172 10.51 -7.31 3.19
N ARG B 173 9.64 -8.29 2.94
CA ARG B 173 10.03 -9.59 2.40
C ARG B 173 8.78 -10.25 1.85
N GLY B 174 8.93 -10.99 0.74
CA GLY B 174 7.84 -11.77 0.20
C GLY B 174 7.54 -11.43 -1.26
N THR B 175 6.29 -11.65 -1.65
CA THR B 175 5.88 -11.49 -3.04
C THR B 175 4.47 -10.92 -3.07
N MET B 176 4.20 -10.12 -4.11
CA MET B 176 2.86 -9.61 -4.35
C MET B 176 2.59 -9.72 -5.84
N LEU B 177 1.61 -10.54 -6.19
CA LEU B 177 1.11 -10.58 -7.55
C LEU B 177 0.10 -9.45 -7.73
N ARG B 178 0.19 -8.76 -8.85
N ARG B 178 0.21 -8.74 -8.84
CA ARG B 178 -0.73 -7.68 -9.18
CA ARG B 178 -0.72 -7.67 -9.21
C ARG B 178 -1.44 -8.06 -10.47
C ARG B 178 -1.43 -8.11 -10.49
N LEU B 179 -2.63 -8.65 -10.34
CA LEU B 179 -3.40 -9.15 -11.48
C LEU B 179 -4.24 -8.03 -12.06
N PHE B 180 -4.04 -7.74 -13.34
CA PHE B 180 -4.85 -6.77 -14.07
C PHE B 180 -6.02 -7.53 -14.66
N LEU B 181 -7.17 -7.43 -14.00
CA LEU B 181 -8.29 -8.32 -14.28
C LEU B 181 -8.91 -8.02 -15.65
N LYS B 182 -9.32 -9.08 -16.33
CA LYS B 182 -10.08 -8.92 -17.56
C LYS B 182 -11.39 -8.19 -17.26
N GLU B 183 -11.94 -7.54 -18.28
CA GLU B 183 -13.17 -6.74 -18.14
C GLU B 183 -14.32 -7.61 -17.68
N ASP B 184 -14.32 -8.91 -18.00
CA ASP B 184 -15.40 -9.83 -17.63
C ASP B 184 -15.12 -10.59 -16.34
N GLN B 185 -14.06 -10.24 -15.60
CA GLN B 185 -13.64 -10.96 -14.42
C GLN B 185 -13.54 -10.03 -13.21
N LEU B 186 -14.31 -8.94 -13.22
CA LEU B 186 -14.25 -7.94 -12.16
C LEU B 186 -14.98 -8.38 -10.89
N GLU B 187 -15.71 -9.49 -10.93
CA GLU B 187 -16.33 -10.01 -9.72
C GLU B 187 -15.29 -10.27 -8.63
N TYR B 188 -14.06 -10.61 -9.01
CA TYR B 188 -13.03 -10.96 -8.05
C TYR B 188 -12.45 -9.74 -7.33
N LEU B 189 -13.01 -8.54 -7.57
CA LEU B 189 -12.72 -7.36 -6.78
C LEU B 189 -13.66 -7.19 -5.60
N GLU B 190 -14.75 -7.95 -5.56
CA GLU B 190 -15.80 -7.75 -4.57
C GLU B 190 -15.51 -8.58 -3.33
N GLU B 191 -15.75 -7.98 -2.17
CA GLU B 191 -15.46 -8.63 -0.90
C GLU B 191 -16.24 -9.94 -0.76
N LYS B 192 -17.55 -9.90 -1.02
CA LYS B 192 -18.37 -11.10 -0.87
C LYS B 192 -17.85 -12.24 -1.73
N ARG B 193 -17.48 -11.96 -2.98
CA ARG B 193 -17.01 -13.00 -3.89
C ARG B 193 -15.68 -13.59 -3.44
N ILE B 194 -14.74 -12.74 -3.03
CA ILE B 194 -13.43 -13.25 -2.60
C ILE B 194 -13.60 -14.21 -1.43
N LYS B 195 -14.36 -13.79 -0.41
CA LYS B 195 -14.64 -14.66 0.74
C LYS B 195 -15.17 -16.02 0.27
N GLU B 196 -16.15 -16.01 -0.63
CA GLU B 196 -16.75 -17.26 -1.12
C GLU B 196 -15.68 -18.20 -1.67
N VAL B 197 -14.78 -17.68 -2.50
CA VAL B 197 -13.77 -18.51 -3.13
C VAL B 197 -12.75 -18.98 -2.09
N VAL B 198 -12.36 -18.11 -1.16
CA VAL B 198 -11.38 -18.47 -0.15
C VAL B 198 -11.93 -19.58 0.74
N LYS B 199 -13.14 -19.39 1.29
CA LYS B 199 -13.72 -20.38 2.19
C LYS B 199 -13.93 -21.71 1.48
N LYS B 200 -14.25 -21.67 0.19
CA LYS B 200 -14.58 -22.89 -0.52
C LYS B 200 -13.33 -23.72 -0.81
N HIS B 201 -12.24 -23.08 -1.23
CA HIS B 201 -11.10 -23.79 -1.76
C HIS B 201 -9.87 -23.78 -0.86
N SER B 202 -9.83 -22.93 0.15
CA SER B 202 -8.65 -22.78 0.98
C SER B 202 -8.97 -22.95 2.46
N GLU B 203 -9.64 -24.05 2.82
CA GLU B 203 -9.97 -24.26 4.23
C GLU B 203 -8.74 -24.61 5.05
N PHE B 204 -7.77 -25.31 4.47
CA PHE B 204 -6.62 -25.84 5.21
C PHE B 204 -5.38 -25.07 4.78
N VAL B 205 -5.28 -23.84 5.28
CA VAL B 205 -4.10 -23.00 5.13
C VAL B 205 -3.62 -22.65 6.54
N ALA B 206 -2.32 -22.77 6.77
CA ALA B 206 -1.76 -22.58 8.09
C ALA B 206 -1.57 -21.12 8.47
N TYR B 207 -1.63 -20.19 7.51
CA TYR B 207 -1.38 -18.79 7.75
C TYR B 207 -2.65 -17.96 7.60
N PRO B 208 -2.77 -16.85 8.30
CA PRO B 208 -3.97 -16.02 8.15
C PRO B 208 -4.08 -15.49 6.72
N ILE B 209 -5.27 -15.62 6.16
CA ILE B 209 -5.61 -15.05 4.85
C ILE B 209 -6.39 -13.76 5.12
N GLN B 210 -5.75 -12.62 4.90
CA GLN B 210 -6.32 -11.32 5.23
C GLN B 210 -6.91 -10.66 3.99
N LEU B 211 -8.07 -10.04 4.16
CA LEU B 211 -8.75 -9.33 3.09
C LEU B 211 -8.83 -7.85 3.43
N VAL B 212 -8.36 -7.01 2.52
CA VAL B 212 -8.34 -5.57 2.70
C VAL B 212 -9.57 -5.00 2.00
N VAL B 213 -10.43 -4.35 2.76
CA VAL B 213 -11.70 -3.82 2.27
C VAL B 213 -11.72 -2.31 2.51
N THR B 214 -12.10 -1.56 1.49
CA THR B 214 -12.24 -0.11 1.58
C THR B 214 -13.71 0.25 1.67
N LYS B 215 -14.04 1.10 2.64
CA LYS B 215 -15.42 1.49 2.89
C LYS B 215 -15.49 2.96 3.29
N GLU B 216 -16.47 3.67 2.73
CA GLU B 216 -16.69 5.06 3.09
C GLU B 216 -17.33 5.15 4.47
N VAL B 217 -16.76 5.99 5.33
CA VAL B 217 -17.33 6.21 6.66
C VAL B 217 -18.62 7.00 6.50
N GLU B 218 -19.74 6.40 6.90
CA GLU B 218 -21.07 6.95 6.66
C GLU B 218 -21.57 7.73 7.87
N LYS B 219 -22.40 8.74 7.60
CA LYS B 219 -22.95 9.59 8.65
C LYS B 219 -23.98 8.84 9.49
#